data_7ZLP
#
_entry.id   7ZLP
#
_cell.length_a   56.153
_cell.length_b   52.282
_cell.length_c   77.453
_cell.angle_alpha   90.000
_cell.angle_beta   108.447
_cell.angle_gamma   90.000
#
_symmetry.space_group_name_H-M   'P 1 21 1'
#
loop_
_entity.id
_entity.type
_entity.pdbx_description
1 polymer 'Suppressor of cytokine signaling 2'
2 polymer Elongin-B
3 polymer Elongin-C
4 non-polymer '[4-[(2~{S})-2-[2-(4-fluorophenyl)ethanoylamino]-3-[(4-fluorophenyl)methylamino]-3-oxidanylidene-propyl]phenyl] dihydrogen phosphate'
5 non-polymer 'PHOSPHATE ION'
6 water water
#
loop_
_entity_poly.entity_id
_entity_poly.type
_entity_poly.pdbx_seq_one_letter_code
_entity_poly.pdbx_strand_id
1 'polypeptide(L)'
;SMQAARLAKALRELGQTGWYWGSMTVNEAKEKLKEAPEGTFLIRDSSHSDYLLTISVKTSAGPTNLRIEYQDGKFRLDSI
ICVKSKLKQFDSVVHLIDYYVQMCKDKRTGPEAPRNGTVHLYLTKPLYTSAPSLQHLCRLTINKCTGAIWGLPLPTRLKD
YLEEYKFQV
;
A
2 'polypeptide(L)'
;MDVFLMIRRHKTTIFTDAKESSTVFELKRIVEGILKRPPDEQRLYKDDQLLDDGKTLGECGFTSQTARPQAPATVGLAFR
ADDTFEALCIEPFSSPPELPDVMKPQDSGSSANEQAVQ
;
B
3 'polypeptide(L)'
;MMYVKLISSDGHEFIVKREHALTSGTIKAMLSGPGQFAENETNEVNFREIPSHVLSKVCMYFTYKVRYTNSSTEIPEFPI
APEIALELLMAANFLDC
;
C
#
loop_
_chem_comp.id
_chem_comp.type
_chem_comp.name
_chem_comp.formula
JHR non-polymer '[4-[(2~{S})-2-[2-(4-fluorophenyl)ethanoylamino]-3-[(4-fluorophenyl)methylamino]-3-oxidanylidene-propyl]phenyl] dihydrogen phosphate' 'C24 H23 F2 N2 O6 P'
PO4 non-polymer 'PHOSPHATE ION' 'O4 P -3'
#
# COMPACT_ATOMS: atom_id res chain seq x y z
N SER A 1 -26.39 26.06 0.97
CA SER A 1 -27.41 25.04 0.76
C SER A 1 -26.88 23.66 1.11
N MET A 2 -27.82 22.73 1.37
CA MET A 2 -27.39 21.34 1.55
C MET A 2 -26.83 20.76 0.27
N GLN A 3 -27.27 21.23 -0.89
CA GLN A 3 -26.64 20.80 -2.13
C GLN A 3 -25.17 21.20 -2.15
N ALA A 4 -24.87 22.47 -1.85
CA ALA A 4 -23.48 22.94 -1.82
C ALA A 4 -22.63 22.14 -0.81
N ALA A 5 -23.17 21.88 0.39
CA ALA A 5 -22.41 21.09 1.36
C ALA A 5 -22.14 19.67 0.86
N ARG A 6 -23.09 19.06 0.14
CA ARG A 6 -22.83 17.73 -0.39
C ARG A 6 -21.77 17.75 -1.50
N LEU A 7 -21.73 18.80 -2.31
CA LEU A 7 -20.69 18.90 -3.33
C LEU A 7 -19.30 19.14 -2.73
N ALA A 8 -19.23 19.96 -1.68
CA ALA A 8 -17.96 20.17 -1.00
C ALA A 8 -17.43 18.87 -0.41
N LYS A 9 -18.32 18.07 0.20
CA LYS A 9 -17.92 16.77 0.73
C LYS A 9 -17.45 15.83 -0.37
N ALA A 10 -18.17 15.79 -1.50
CA ALA A 10 -17.78 14.92 -2.60
C ALA A 10 -16.37 15.23 -3.06
N LEU A 11 -16.00 16.52 -3.11
CA LEU A 11 -14.67 16.88 -3.55
C LEU A 11 -13.63 16.55 -2.48
N ARG A 12 -13.98 16.71 -1.20
CA ARG A 12 -13.10 16.25 -0.12
C ARG A 12 -12.80 14.76 -0.25
N GLU A 13 -13.84 13.96 -0.52
CA GLU A 13 -13.63 12.52 -0.65
C GLU A 13 -12.69 12.24 -1.79
N LEU A 14 -12.90 12.93 -2.91
CA LEU A 14 -12.04 12.81 -4.08
C LEU A 14 -10.58 13.06 -3.72
N GLY A 15 -10.30 14.07 -2.89
CA GLY A 15 -8.93 14.33 -2.46
C GLY A 15 -8.33 13.25 -1.58
N GLN A 16 -9.17 12.39 -0.98
CA GLN A 16 -8.67 11.29 -0.18
C GLN A 16 -8.36 10.03 -1.00
N THR A 17 -8.90 9.91 -2.22
CA THR A 17 -8.76 8.67 -2.97
C THR A 17 -7.29 8.30 -3.20
N GLY A 18 -6.46 9.29 -3.54
CA GLY A 18 -5.14 8.98 -4.03
C GLY A 18 -5.09 8.61 -5.51
N TRP A 19 -6.23 8.56 -6.20
CA TRP A 19 -6.27 8.28 -7.64
C TRP A 19 -6.98 9.37 -8.43
N TYR A 20 -7.04 10.57 -7.88
CA TYR A 20 -7.55 11.76 -8.55
C TYR A 20 -6.36 12.56 -9.04
N TRP A 21 -6.27 12.73 -10.35
CA TRP A 21 -5.09 13.32 -10.98
C TRP A 21 -5.26 14.79 -11.32
N GLY A 22 -6.36 15.41 -10.89
CA GLY A 22 -6.55 16.84 -11.07
C GLY A 22 -6.49 17.26 -12.53
N SER A 23 -5.69 18.28 -12.78
CA SER A 23 -5.51 18.78 -14.14
C SER A 23 -4.63 17.79 -14.91
N MET A 24 -5.23 17.05 -15.83
CA MET A 24 -4.53 16.05 -16.61
C MET A 24 -5.24 15.97 -17.94
N THR A 25 -4.50 16.13 -19.03
CA THR A 25 -5.15 16.14 -20.34
C THR A 25 -5.52 14.72 -20.75
N VAL A 26 -6.35 14.64 -21.80
CA VAL A 26 -6.77 13.33 -22.29
C VAL A 26 -5.56 12.59 -22.85
N ASN A 27 -4.62 13.31 -23.45
CA ASN A 27 -3.41 12.69 -23.98
C ASN A 27 -2.44 12.27 -22.88
N GLU A 28 -2.39 13.03 -21.78
CA GLU A 28 -1.55 12.62 -20.67
C GLU A 28 -2.11 11.37 -20.01
N ALA A 29 -3.44 11.30 -19.87
CA ALA A 29 -4.08 10.08 -19.36
C ALA A 29 -3.80 8.90 -20.27
N LYS A 30 -3.94 9.09 -21.59
CA LYS A 30 -3.65 8.05 -22.55
C LYS A 30 -2.25 7.48 -22.34
N GLU A 31 -1.26 8.35 -22.17
CA GLU A 31 0.11 7.88 -21.95
C GLU A 31 0.25 7.16 -20.61
N LYS A 32 -0.43 7.67 -19.57
CA LYS A 32 -0.29 7.09 -18.24
C LYS A 32 -0.91 5.71 -18.14
N LEU A 33 -1.97 5.45 -18.90
CA LEU A 33 -2.66 4.16 -18.84
C LEU A 33 -2.16 3.18 -19.89
N LYS A 34 -1.24 3.60 -20.78
CA LYS A 34 -0.90 2.79 -21.96
C LYS A 34 -0.45 1.39 -21.58
N GLU A 35 0.36 1.25 -20.53
CA GLU A 35 0.95 -0.03 -20.16
C GLU A 35 0.20 -0.74 -19.02
N ALA A 36 -0.91 -0.20 -18.57
CA ALA A 36 -1.59 -0.73 -17.41
C ALA A 36 -2.49 -1.91 -17.78
N PRO A 37 -2.79 -2.78 -16.81
CA PRO A 37 -3.69 -3.90 -17.10
C PRO A 37 -5.09 -3.40 -17.40
N GLU A 38 -5.84 -4.22 -18.13
CA GLU A 38 -7.21 -3.90 -18.48
C GLU A 38 -8.04 -3.60 -17.23
N GLY A 39 -8.83 -2.53 -17.28
CA GLY A 39 -9.62 -2.14 -16.13
C GLY A 39 -8.97 -1.13 -15.19
N THR A 40 -7.68 -0.87 -15.32
CA THR A 40 -7.05 0.17 -14.51
C THR A 40 -7.68 1.52 -14.86
N PHE A 41 -8.00 2.31 -13.85
CA PHE A 41 -8.72 3.55 -14.10
C PHE A 41 -8.15 4.68 -13.25
N LEU A 42 -8.47 5.90 -13.64
CA LEU A 42 -8.20 7.05 -12.81
C LEU A 42 -9.33 8.04 -13.04
N ILE A 43 -9.41 9.03 -12.18
CA ILE A 43 -10.32 10.16 -12.35
C ILE A 43 -9.49 11.43 -12.46
N ARG A 44 -9.92 12.34 -13.33
CA ARG A 44 -9.23 13.59 -13.59
C ARG A 44 -10.28 14.63 -13.93
N ASP A 45 -9.86 15.89 -13.92
CA ASP A 45 -10.71 16.98 -14.34
C ASP A 45 -11.00 16.85 -15.83
N SER A 46 -12.24 17.13 -16.23
CA SER A 46 -12.56 17.16 -17.65
C SER A 46 -12.07 18.44 -18.29
N SER A 47 -11.65 18.33 -19.55
CA SER A 47 -11.35 19.53 -20.34
C SER A 47 -12.60 20.21 -20.87
N HIS A 48 -13.76 19.59 -20.75
CA HIS A 48 -14.96 20.11 -21.39
C HIS A 48 -15.61 21.13 -20.47
N SER A 49 -16.04 22.26 -21.05
CA SER A 49 -16.62 23.36 -20.27
C SER A 49 -17.80 22.92 -19.42
N ASP A 50 -18.56 21.90 -19.83
CA ASP A 50 -19.77 21.56 -19.12
C ASP A 50 -19.59 20.47 -18.08
N TYR A 51 -18.40 19.87 -17.96
CA TYR A 51 -18.17 18.74 -17.06
C TYR A 51 -17.03 19.00 -16.07
N LEU A 52 -17.24 18.57 -14.81
CA LEU A 52 -16.19 18.66 -13.80
C LEU A 52 -15.15 17.56 -13.98
N LEU A 53 -15.58 16.33 -14.22
CA LEU A 53 -14.69 15.18 -14.04
C LEU A 53 -14.87 14.16 -15.15
N THR A 54 -13.81 13.41 -15.40
CA THR A 54 -13.78 12.39 -16.43
C THR A 54 -13.03 11.18 -15.90
N ILE A 55 -13.58 9.98 -16.15
CA ILE A 55 -12.91 8.73 -15.86
C ILE A 55 -12.05 8.35 -17.04
N SER A 56 -10.80 7.98 -16.80
CA SER A 56 -9.96 7.41 -17.83
C SER A 56 -9.66 5.97 -17.46
N VAL A 57 -9.88 5.03 -18.38
CA VAL A 57 -9.83 3.60 -18.05
C VAL A 57 -9.19 2.85 -19.20
N LYS A 58 -8.28 1.93 -18.87
CA LYS A 58 -7.66 1.05 -19.85
C LYS A 58 -8.64 -0.02 -20.32
N THR A 59 -8.87 -0.09 -21.63
CA THR A 59 -9.56 -1.24 -22.19
C THR A 59 -8.54 -2.08 -22.94
N SER A 60 -8.97 -3.27 -23.37
CA SER A 60 -8.06 -4.12 -24.14
C SER A 60 -7.60 -3.43 -25.44
N ALA A 61 -8.39 -2.48 -25.95
CA ALA A 61 -8.04 -1.75 -27.16
C ALA A 61 -7.28 -0.46 -26.88
N GLY A 62 -7.02 -0.15 -25.61
CA GLY A 62 -6.30 1.06 -25.27
C GLY A 62 -7.11 1.90 -24.29
N PRO A 63 -6.53 2.97 -23.78
CA PRO A 63 -7.26 3.80 -22.83
C PRO A 63 -8.45 4.48 -23.52
N THR A 64 -9.55 4.62 -22.79
CA THR A 64 -10.72 5.34 -23.25
C THR A 64 -11.17 6.27 -22.13
N ASN A 65 -12.14 7.13 -22.42
CA ASN A 65 -12.51 8.19 -21.49
C ASN A 65 -14.02 8.30 -21.38
N LEU A 66 -14.52 8.50 -20.15
CA LEU A 66 -15.95 8.60 -19.91
C LEU A 66 -16.21 9.74 -18.93
N ARG A 67 -16.96 10.74 -19.37
CA ARG A 67 -17.25 11.90 -18.54
C ARG A 67 -18.26 11.55 -17.46
N ILE A 68 -18.25 12.33 -16.39
CA ILE A 68 -19.23 12.22 -15.32
C ILE A 68 -20.05 13.50 -15.31
N GLU A 69 -21.36 13.35 -15.35
CA GLU A 69 -22.30 14.47 -15.33
C GLU A 69 -22.64 14.79 -13.88
N TYR A 70 -22.82 16.07 -13.57
CA TYR A 70 -23.35 16.50 -12.29
C TYR A 70 -24.55 17.41 -12.56
N GLN A 71 -25.71 17.05 -12.02
CA GLN A 71 -26.95 17.82 -12.30
C GLN A 71 -27.81 17.79 -11.05
N ASP A 72 -28.11 18.96 -10.51
CA ASP A 72 -28.98 19.08 -9.32
C ASP A 72 -28.49 18.17 -8.18
N GLY A 73 -27.21 18.26 -7.82
CA GLY A 73 -26.71 17.53 -6.63
C GLY A 73 -26.43 16.05 -6.82
N LYS A 74 -26.44 15.56 -8.05
CA LYS A 74 -26.29 14.14 -8.35
C LYS A 74 -25.26 13.94 -9.46
N PHE A 75 -24.34 13.01 -9.24
CA PHE A 75 -23.41 12.55 -10.25
C PHE A 75 -23.95 11.31 -10.96
N ARG A 76 -23.66 11.20 -12.25
CA ARG A 76 -23.89 9.94 -12.95
C ARG A 76 -22.97 9.93 -14.16
N LEU A 77 -22.79 8.74 -14.74
CA LEU A 77 -22.01 8.62 -15.97
C LEU A 77 -22.67 9.43 -17.07
N ASP A 78 -21.86 9.93 -18.01
CA ASP A 78 -22.32 10.73 -19.14
C ASP A 78 -23.46 10.06 -19.88
N SER A 79 -24.56 10.80 -20.05
CA SER A 79 -25.82 10.26 -20.56
C SER A 79 -25.90 10.21 -22.07
N ILE A 80 -24.90 10.72 -22.79
CA ILE A 80 -24.86 10.43 -24.22
C ILE A 80 -24.63 8.96 -24.48
N ILE A 81 -24.24 8.23 -23.43
CA ILE A 81 -23.83 6.84 -23.55
C ILE A 81 -25.03 5.89 -23.54
N CYS A 82 -26.07 6.23 -22.79
CA CYS A 82 -27.16 5.31 -22.50
C CYS A 82 -28.30 6.17 -22.00
N VAL A 83 -29.50 5.59 -21.85
CA VAL A 83 -30.58 6.35 -21.25
C VAL A 83 -30.27 6.58 -19.76
N LYS A 84 -30.69 7.75 -19.25
CA LYS A 84 -30.29 8.16 -17.91
C LYS A 84 -30.84 7.22 -16.85
N SER A 85 -31.99 6.59 -17.10
CA SER A 85 -32.54 5.69 -16.09
C SER A 85 -31.63 4.49 -15.82
N LYS A 86 -30.74 4.17 -16.76
CA LYS A 86 -29.81 3.07 -16.62
C LYS A 86 -28.45 3.50 -16.09
N LEU A 87 -28.29 4.80 -15.82
CA LEU A 87 -27.07 5.36 -15.24
C LEU A 87 -27.43 5.82 -13.82
N LYS A 88 -27.15 4.98 -12.84
CA LYS A 88 -27.43 5.29 -11.43
C LYS A 88 -26.82 6.63 -11.01
N GLN A 89 -27.58 7.39 -10.20
CA GLN A 89 -27.18 8.69 -9.67
C GLN A 89 -26.65 8.57 -8.23
N PHE A 90 -25.66 9.38 -7.89
CA PHE A 90 -25.04 9.36 -6.57
C PHE A 90 -24.80 10.78 -6.06
N ASP A 91 -24.94 10.98 -4.73
CA ASP A 91 -24.48 12.23 -4.13
C ASP A 91 -22.96 12.39 -4.16
N SER A 92 -22.23 11.29 -4.26
CA SER A 92 -20.78 11.26 -4.08
C SER A 92 -20.14 10.64 -5.33
N VAL A 93 -19.10 11.28 -5.85
CA VAL A 93 -18.52 10.73 -7.08
C VAL A 93 -17.62 9.53 -6.78
N VAL A 94 -16.98 9.52 -5.60
CA VAL A 94 -16.24 8.31 -5.20
C VAL A 94 -17.21 7.15 -4.98
N HIS A 95 -18.40 7.43 -4.45
CA HIS A 95 -19.40 6.37 -4.33
C HIS A 95 -19.76 5.82 -5.71
N LEU A 96 -19.95 6.71 -6.68
CA LEU A 96 -20.22 6.26 -8.04
C LEU A 96 -19.16 5.28 -8.53
N ILE A 97 -17.89 5.65 -8.38
CA ILE A 97 -16.81 4.76 -8.81
C ILE A 97 -16.84 3.45 -8.05
N ASP A 98 -16.98 3.54 -6.71
CA ASP A 98 -17.02 2.32 -5.89
C ASP A 98 -18.11 1.35 -6.36
N TYR A 99 -19.30 1.89 -6.66
CA TYR A 99 -20.40 1.07 -7.16
C TYR A 99 -19.98 0.27 -8.39
N TYR A 100 -19.41 0.94 -9.39
CA TYR A 100 -19.03 0.26 -10.63
C TYR A 100 -17.87 -0.70 -10.41
N VAL A 101 -16.93 -0.37 -9.52
CA VAL A 101 -15.85 -1.32 -9.22
C VAL A 101 -16.43 -2.58 -8.56
N GLN A 102 -17.37 -2.39 -7.64
CA GLN A 102 -17.90 -3.51 -6.91
C GLN A 102 -18.77 -4.40 -7.81
N MET A 103 -19.46 -3.82 -8.79
CA MET A 103 -20.20 -4.61 -9.78
C MET A 103 -19.25 -5.57 -10.51
N CYS A 104 -18.08 -5.08 -10.90
CA CYS A 104 -17.11 -5.93 -11.56
C CYS A 104 -16.51 -6.95 -10.60
N LYS A 105 -16.09 -6.49 -9.41
CA LYS A 105 -15.56 -7.39 -8.40
C LYS A 105 -16.52 -8.54 -8.11
N ASP A 106 -17.83 -8.23 -8.03
CA ASP A 106 -18.82 -9.25 -7.74
C ASP A 106 -19.18 -10.08 -8.95
N LYS A 107 -18.48 -9.86 -10.07
CA LYS A 107 -18.71 -10.57 -11.33
C LYS A 107 -20.15 -10.43 -11.79
N ARG A 108 -20.80 -9.31 -11.45
CA ARG A 108 -22.10 -9.00 -12.02
C ARG A 108 -21.98 -8.39 -13.41
N THR A 109 -20.84 -7.79 -13.71
CA THR A 109 -20.50 -7.33 -15.05
C THR A 109 -19.05 -7.72 -15.31
N GLY A 110 -18.73 -7.98 -16.57
CA GLY A 110 -17.39 -8.37 -16.91
C GLY A 110 -16.80 -7.54 -18.03
N PRO A 111 -15.64 -7.97 -18.54
CA PRO A 111 -15.01 -7.22 -19.63
C PRO A 111 -15.77 -7.33 -20.96
N GLU A 112 -16.54 -8.38 -21.18
CA GLU A 112 -17.35 -8.45 -22.39
C GLU A 112 -18.48 -7.42 -22.32
N ALA A 113 -18.71 -6.75 -23.44
CA ALA A 113 -19.75 -5.72 -23.47
C ALA A 113 -21.13 -6.36 -23.50
N PRO A 114 -22.11 -5.78 -22.80
CA PRO A 114 -23.47 -6.31 -22.89
C PRO A 114 -24.04 -6.15 -24.29
N ARG A 115 -25.09 -6.92 -24.54
CA ARG A 115 -25.58 -7.15 -25.89
C ARG A 115 -26.90 -6.45 -26.10
N ASN A 116 -27.48 -5.88 -25.04
CA ASN A 116 -28.77 -5.21 -25.04
C ASN A 116 -28.63 -3.70 -24.82
N GLY A 117 -27.42 -3.18 -24.89
CA GLY A 117 -27.20 -1.75 -24.83
C GLY A 117 -27.18 -1.13 -23.46
N THR A 118 -27.17 -1.92 -22.38
CA THR A 118 -27.04 -1.38 -21.03
C THR A 118 -25.58 -0.98 -20.77
N VAL A 119 -25.29 -0.40 -19.61
CA VAL A 119 -24.03 0.32 -19.45
C VAL A 119 -22.87 -0.65 -19.39
N HIS A 120 -21.78 -0.34 -20.10
CA HIS A 120 -20.58 -1.17 -20.10
C HIS A 120 -19.42 -0.38 -19.50
N LEU A 121 -19.01 -0.75 -18.29
CA LEU A 121 -17.88 -0.08 -17.63
C LEU A 121 -17.12 -1.11 -16.81
N TYR A 122 -15.96 -1.52 -17.31
CA TYR A 122 -15.16 -2.53 -16.64
C TYR A 122 -14.02 -1.83 -15.90
N LEU A 123 -14.13 -1.78 -14.56
CA LEU A 123 -13.14 -1.15 -13.68
C LEU A 123 -12.57 -2.17 -12.73
N THR A 124 -11.24 -2.20 -12.59
CA THR A 124 -10.62 -3.12 -11.66
C THR A 124 -9.88 -2.33 -10.57
N LYS A 125 -8.69 -1.84 -10.91
CA LYS A 125 -7.83 -1.21 -9.91
C LYS A 125 -7.57 0.25 -10.26
N PRO A 126 -7.52 1.15 -9.28
CA PRO A 126 -7.17 2.55 -9.57
C PRO A 126 -5.68 2.71 -9.78
N LEU A 127 -5.34 3.75 -10.52
CA LEU A 127 -3.95 4.18 -10.71
C LEU A 127 -3.66 5.29 -9.72
N TYR A 128 -2.83 4.99 -8.72
CA TYR A 128 -2.50 5.98 -7.70
C TYR A 128 -1.48 6.98 -8.21
N THR A 129 -1.67 8.26 -7.82
CA THR A 129 -0.71 9.32 -8.08
C THR A 129 0.49 9.22 -7.17
N SER A 130 0.28 8.70 -5.95
CA SER A 130 1.27 8.61 -4.90
C SER A 130 0.77 7.58 -3.90
N ALA A 131 1.70 7.02 -3.14
CA ALA A 131 1.30 6.09 -2.08
C ALA A 131 0.43 6.79 -1.05
N PRO A 132 -0.77 6.28 -0.78
CA PRO A 132 -1.58 6.87 0.31
C PRO A 132 -0.99 6.56 1.68
N SER A 133 -1.46 7.32 2.67
CA SER A 133 -1.03 7.10 4.05
C SER A 133 -1.39 5.70 4.51
N LEU A 134 -0.60 5.18 5.45
CA LEU A 134 -0.92 3.86 6.01
C LEU A 134 -2.31 3.86 6.65
N GLN A 135 -2.70 4.97 7.30
CA GLN A 135 -4.03 5.04 7.90
C GLN A 135 -5.10 4.81 6.85
N HIS A 136 -4.95 5.41 5.67
CA HIS A 136 -5.98 5.27 4.65
C HIS A 136 -5.99 3.85 4.09
N LEU A 137 -4.83 3.21 4.00
CA LEU A 137 -4.77 1.83 3.52
C LEU A 137 -5.46 0.88 4.49
N CYS A 138 -5.26 1.07 5.78
CA CYS A 138 -6.02 0.31 6.76
C CYS A 138 -7.51 0.59 6.61
N ARG A 139 -7.88 1.85 6.42
CA ARG A 139 -9.29 2.19 6.25
C ARG A 139 -9.92 1.40 5.11
N LEU A 140 -9.28 1.38 3.94
CA LEU A 140 -9.78 0.61 2.81
C LEU A 140 -9.96 -0.86 3.17
N THR A 141 -8.97 -1.42 3.89
CA THR A 141 -9.03 -2.83 4.27
C THR A 141 -10.23 -3.11 5.19
N ILE A 142 -10.43 -2.25 6.19
CA ILE A 142 -11.57 -2.44 7.09
C ILE A 142 -12.88 -2.33 6.30
N ASN A 143 -12.98 -1.34 5.40
CA ASN A 143 -14.19 -1.17 4.60
C ASN A 143 -14.49 -2.41 3.77
N LYS A 144 -13.46 -3.11 3.31
CA LYS A 144 -13.66 -4.33 2.54
C LYS A 144 -14.12 -5.49 3.43
N CYS A 145 -13.92 -5.38 4.74
CA CYS A 145 -14.40 -6.42 5.65
C CYS A 145 -15.80 -6.14 6.20
N THR A 146 -16.13 -4.88 6.51
CA THR A 146 -17.44 -4.63 7.09
C THR A 146 -17.84 -3.18 6.89
N GLY A 147 -19.16 -2.95 6.95
CA GLY A 147 -19.72 -1.61 6.98
C GLY A 147 -20.09 -1.14 8.37
N ALA A 148 -20.09 -2.05 9.34
CA ALA A 148 -20.55 -1.75 10.71
C ALA A 148 -19.42 -1.21 11.58
N ILE A 149 -18.91 -0.03 11.22
CA ILE A 149 -17.71 0.46 11.90
C ILE A 149 -18.02 0.89 13.32
N TRP A 150 -19.25 1.26 13.62
CA TRP A 150 -19.51 1.80 14.95
C TRP A 150 -19.60 0.73 16.01
N GLY A 151 -19.59 -0.55 15.63
CA GLY A 151 -19.42 -1.63 16.58
C GLY A 151 -17.99 -2.14 16.75
N LEU A 152 -17.03 -1.56 16.03
CA LEU A 152 -15.66 -2.05 16.08
C LEU A 152 -15.00 -1.73 17.42
N PRO A 153 -14.05 -2.55 17.86
CA PRO A 153 -13.32 -2.21 19.10
C PRO A 153 -12.21 -1.21 18.81
N LEU A 154 -12.63 0.03 18.56
CA LEU A 154 -11.77 1.16 18.23
C LEU A 154 -12.19 2.36 19.06
N PRO A 155 -11.29 3.30 19.31
CA PRO A 155 -11.71 4.57 19.91
C PRO A 155 -12.57 5.38 18.95
N THR A 156 -13.46 6.19 19.54
CA THR A 156 -14.37 7.00 18.73
C THR A 156 -13.62 7.89 17.75
N ARG A 157 -12.42 8.35 18.11
CA ARG A 157 -11.63 9.16 17.19
C ARG A 157 -11.35 8.41 15.90
N LEU A 158 -11.08 7.10 16.00
CA LEU A 158 -10.79 6.35 14.78
C LEU A 158 -12.05 5.93 14.05
N LYS A 159 -13.17 5.73 14.76
CA LYS A 159 -14.41 5.50 14.04
C LYS A 159 -14.81 6.73 13.24
N ASP A 160 -14.61 7.93 13.79
CA ASP A 160 -14.89 9.15 13.03
C ASP A 160 -14.09 9.15 11.73
N TYR A 161 -12.84 8.71 11.79
CA TYR A 161 -11.97 8.68 10.62
C TYR A 161 -12.47 7.69 9.58
N LEU A 162 -12.82 6.47 10.01
CA LEU A 162 -13.43 5.52 9.10
C LEU A 162 -14.71 6.10 8.49
N GLU A 163 -15.52 6.79 9.30
CA GLU A 163 -16.79 7.32 8.82
C GLU A 163 -16.60 8.37 7.73
N GLU A 164 -15.43 9.01 7.65
CA GLU A 164 -15.18 10.02 6.63
C GLU A 164 -15.02 9.43 5.25
N TYR A 165 -14.69 8.14 5.13
CA TYR A 165 -14.43 7.55 3.81
C TYR A 165 -14.81 6.07 3.91
N LYS A 166 -16.05 5.76 3.56
CA LYS A 166 -16.53 4.40 3.73
C LYS A 166 -16.35 3.54 2.47
N PHE A 167 -15.63 4.01 1.47
CA PHE A 167 -15.57 3.28 0.21
C PHE A 167 -14.53 2.18 0.26
N GLN A 168 -14.69 1.18 -0.62
CA GLN A 168 -13.77 0.07 -0.71
C GLN A 168 -12.69 0.27 -1.77
N VAL A 169 -12.70 1.41 -2.45
CA VAL A 169 -11.65 1.70 -3.43
C VAL A 169 -11.11 3.12 -3.13
N MET B 1 15.18 -5.17 -11.28
CA MET B 1 16.51 -4.69 -10.96
C MET B 1 16.69 -4.63 -9.43
N ASP B 2 15.77 -3.96 -8.74
CA ASP B 2 15.91 -3.77 -7.30
C ASP B 2 15.17 -4.87 -6.56
N VAL B 3 15.77 -5.40 -5.50
CA VAL B 3 15.08 -6.34 -4.63
C VAL B 3 15.07 -5.80 -3.21
N PHE B 4 14.00 -6.09 -2.50
CA PHE B 4 13.80 -5.55 -1.16
C PHE B 4 13.73 -6.70 -0.18
N LEU B 5 14.52 -6.60 0.89
CA LEU B 5 14.84 -7.73 1.73
C LEU B 5 14.61 -7.40 3.20
N MET B 6 14.44 -8.47 3.99
CA MET B 6 14.57 -8.48 5.43
C MET B 6 15.65 -9.49 5.79
N ILE B 7 16.75 -9.01 6.37
CA ILE B 7 17.79 -9.90 6.85
C ILE B 7 17.53 -10.16 8.34
N ARG B 8 17.33 -11.43 8.70
CA ARG B 8 16.76 -11.80 9.99
C ARG B 8 17.64 -12.79 10.72
N ARG B 9 17.87 -12.52 12.01
CA ARG B 9 18.60 -13.40 12.89
C ARG B 9 18.07 -13.18 14.31
N HIS B 10 17.77 -14.26 15.01
CA HIS B 10 17.17 -14.21 16.33
C HIS B 10 16.01 -13.21 16.30
N LYS B 11 16.09 -12.13 17.08
CA LYS B 11 15.06 -11.10 17.07
C LYS B 11 15.54 -9.80 16.43
N THR B 12 16.45 -9.90 15.48
CA THR B 12 16.89 -8.77 14.67
C THR B 12 16.34 -8.92 13.25
N THR B 13 15.87 -7.80 12.69
CA THR B 13 15.38 -7.76 11.31
C THR B 13 15.90 -6.47 10.70
N ILE B 14 16.74 -6.60 9.67
CA ILE B 14 17.25 -5.47 8.92
C ILE B 14 16.40 -5.30 7.67
N PHE B 15 15.87 -4.09 7.46
CA PHE B 15 15.20 -3.75 6.20
C PHE B 15 16.20 -3.05 5.27
N THR B 16 16.47 -3.66 4.11
CA THR B 16 17.42 -3.10 3.17
C THR B 16 17.08 -3.56 1.76
N ASP B 17 17.69 -2.89 0.78
CA ASP B 17 17.49 -3.19 -0.62
C ASP B 17 18.82 -3.36 -1.33
N ALA B 18 18.78 -4.07 -2.45
CA ALA B 18 19.95 -4.38 -3.25
C ALA B 18 19.51 -4.56 -4.68
N LYS B 19 20.47 -4.75 -5.57
CA LYS B 19 20.15 -5.02 -6.96
C LYS B 19 20.06 -6.52 -7.20
N GLU B 20 19.31 -6.89 -8.23
CA GLU B 20 19.24 -8.30 -8.63
C GLU B 20 20.63 -8.81 -8.97
N SER B 21 21.49 -7.93 -9.46
CA SER B 21 22.85 -8.24 -9.86
C SER B 21 23.86 -8.06 -8.74
N SER B 22 23.41 -7.74 -7.53
CA SER B 22 24.26 -7.73 -6.35
C SER B 22 24.64 -9.15 -5.97
N THR B 23 25.80 -9.30 -5.36
CA THR B 23 26.25 -10.61 -4.89
C THR B 23 25.86 -10.83 -3.42
N VAL B 24 25.88 -12.10 -3.01
CA VAL B 24 25.71 -12.46 -1.61
C VAL B 24 26.77 -11.78 -0.76
N PHE B 25 28.02 -11.75 -1.25
CA PHE B 25 29.11 -11.09 -0.53
C PHE B 25 28.80 -9.61 -0.31
N GLU B 26 28.23 -8.95 -1.32
CA GLU B 26 27.85 -7.55 -1.15
C GLU B 26 26.78 -7.39 -0.07
N LEU B 27 25.88 -8.36 0.04
CA LEU B 27 24.90 -8.36 1.14
C LEU B 27 25.58 -8.44 2.50
N LYS B 28 26.57 -9.34 2.65
CA LYS B 28 27.27 -9.39 3.93
C LYS B 28 28.02 -8.09 4.21
N ARG B 29 28.50 -7.40 3.17
CA ARG B 29 29.08 -6.09 3.39
C ARG B 29 28.05 -5.11 3.96
N ILE B 30 26.78 -5.23 3.55
CA ILE B 30 25.73 -4.43 4.17
C ILE B 30 25.58 -4.80 5.63
N VAL B 31 25.55 -6.10 5.92
CA VAL B 31 25.34 -6.57 7.29
C VAL B 31 26.48 -6.10 8.17
N GLU B 32 27.71 -6.18 7.66
CA GLU B 32 28.88 -5.78 8.45
C GLU B 32 28.80 -4.31 8.83
N GLY B 33 28.37 -3.46 7.89
CA GLY B 33 28.25 -2.05 8.19
C GLY B 33 27.26 -1.77 9.31
N ILE B 34 26.20 -2.55 9.38
CA ILE B 34 25.14 -2.39 10.38
C ILE B 34 25.47 -3.12 11.67
N LEU B 35 25.71 -4.44 11.58
CA LEU B 35 25.88 -5.27 12.77
C LEU B 35 27.33 -5.48 13.18
N LYS B 36 28.29 -4.95 12.44
CA LYS B 36 29.70 -4.88 12.88
C LYS B 36 30.35 -6.26 12.97
N ARG B 37 29.94 -7.20 12.13
CA ARG B 37 30.60 -8.49 12.06
C ARG B 37 31.09 -8.72 10.63
N PRO B 38 32.34 -9.15 10.44
CA PRO B 38 32.88 -9.28 9.08
C PRO B 38 32.14 -10.33 8.28
N PRO B 39 32.30 -10.31 6.95
CA PRO B 39 31.65 -11.31 6.10
C PRO B 39 32.05 -12.75 6.39
N ASP B 40 33.32 -13.01 6.74
CA ASP B 40 33.68 -14.39 7.02
C ASP B 40 33.11 -14.89 8.35
N GLU B 41 32.47 -14.03 9.14
CA GLU B 41 31.71 -14.46 10.30
C GLU B 41 30.21 -14.53 10.03
N GLN B 42 29.80 -14.48 8.76
CA GLN B 42 28.40 -14.56 8.40
C GLN B 42 28.11 -15.75 7.52
N ARG B 43 26.91 -16.29 7.69
CA ARG B 43 26.29 -17.18 6.72
C ARG B 43 24.92 -16.61 6.41
N LEU B 44 24.61 -16.46 5.13
CA LEU B 44 23.30 -16.02 4.65
C LEU B 44 22.56 -17.21 4.03
N TYR B 45 21.23 -17.19 4.19
CA TYR B 45 20.33 -18.27 3.84
C TYR B 45 19.10 -17.75 3.10
N LYS B 46 18.64 -18.54 2.13
CA LYS B 46 17.27 -18.44 1.61
C LYS B 46 16.57 -19.73 2.02
N ASP B 47 15.61 -19.61 2.93
CA ASP B 47 14.96 -20.77 3.55
C ASP B 47 16.07 -21.53 4.28
N ASP B 48 16.26 -22.82 4.02
CA ASP B 48 17.27 -23.60 4.72
C ASP B 48 18.58 -23.72 3.94
N GLN B 49 18.71 -23.02 2.81
CA GLN B 49 19.80 -23.26 1.86
C GLN B 49 20.88 -22.19 2.01
N LEU B 50 22.10 -22.61 2.36
CA LEU B 50 23.25 -21.72 2.35
C LEU B 50 23.48 -21.09 0.99
N LEU B 51 23.64 -19.77 0.98
CA LEU B 51 23.90 -19.03 -0.25
C LEU B 51 25.41 -18.86 -0.45
N ASP B 52 25.88 -19.17 -1.65
CA ASP B 52 27.29 -19.01 -1.99
C ASP B 52 27.63 -17.55 -2.24
N ASP B 53 28.72 -17.08 -1.62
CA ASP B 53 29.04 -15.66 -1.59
C ASP B 53 29.15 -15.05 -2.98
N GLY B 54 29.67 -15.81 -3.95
CA GLY B 54 29.90 -15.32 -5.29
C GLY B 54 28.68 -15.20 -6.18
N LYS B 55 27.51 -15.68 -5.75
CA LYS B 55 26.29 -15.64 -6.57
C LYS B 55 25.61 -14.28 -6.47
N THR B 56 24.89 -13.93 -7.55
CA THR B 56 23.99 -12.79 -7.49
C THR B 56 22.72 -13.16 -6.76
N LEU B 57 22.03 -12.14 -6.24
CA LEU B 57 20.77 -12.38 -5.57
C LEU B 57 19.73 -12.99 -6.53
N GLY B 58 19.80 -12.65 -7.82
CA GLY B 58 18.92 -13.30 -8.78
C GLY B 58 19.24 -14.77 -8.96
N GLU B 59 20.52 -15.10 -9.07
CA GLU B 59 20.96 -16.50 -9.11
C GLU B 59 20.51 -17.30 -7.90
N CYS B 60 20.31 -16.65 -6.76
CA CYS B 60 19.78 -17.35 -5.60
C CYS B 60 18.25 -17.34 -5.55
N GLY B 61 17.58 -16.58 -6.41
CA GLY B 61 16.13 -16.58 -6.49
C GLY B 61 15.44 -15.32 -5.99
N PHE B 62 16.18 -14.25 -5.72
CA PHE B 62 15.61 -13.00 -5.25
C PHE B 62 15.40 -12.10 -6.47
N THR B 63 14.18 -12.09 -7.00
CA THR B 63 13.83 -11.28 -8.15
C THR B 63 12.89 -10.14 -7.76
N SER B 64 12.81 -9.13 -8.62
CA SER B 64 11.93 -8.01 -8.34
C SER B 64 10.49 -8.46 -8.12
N GLN B 65 10.08 -9.55 -8.76
CA GLN B 65 8.70 -10.02 -8.57
C GLN B 65 8.50 -10.66 -7.19
N THR B 66 9.55 -11.23 -6.60
CA THR B 66 9.43 -11.97 -5.36
C THR B 66 10.05 -11.27 -4.16
N ALA B 67 10.65 -10.09 -4.35
CA ALA B 67 11.28 -9.34 -3.27
C ALA B 67 10.91 -7.87 -3.45
N ARG B 68 9.66 -7.54 -3.11
CA ARG B 68 9.11 -6.22 -3.39
C ARG B 68 9.09 -5.35 -2.13
N PRO B 69 8.99 -4.02 -2.28
CA PRO B 69 9.08 -3.17 -1.08
C PRO B 69 7.95 -3.42 -0.10
N GLN B 70 6.75 -3.71 -0.62
CA GLN B 70 5.59 -3.99 0.20
C GLN B 70 5.51 -5.46 0.63
N ALA B 71 6.42 -6.30 0.17
CA ALA B 71 6.47 -7.70 0.59
C ALA B 71 7.90 -8.18 0.39
N PRO B 72 8.82 -7.73 1.25
CA PRO B 72 10.23 -8.09 1.05
C PRO B 72 10.45 -9.57 1.28
N ALA B 73 11.48 -10.10 0.61
CA ALA B 73 11.90 -11.48 0.80
C ALA B 73 12.82 -11.57 2.02
N THR B 74 12.81 -12.73 2.68
CA THR B 74 13.52 -12.88 3.94
C THR B 74 14.85 -13.59 3.68
N VAL B 75 15.94 -13.00 4.17
CA VAL B 75 17.26 -13.62 4.12
C VAL B 75 17.68 -13.96 5.56
N GLY B 76 18.00 -15.23 5.80
CA GLY B 76 18.40 -15.67 7.13
C GLY B 76 19.88 -15.43 7.39
N LEU B 77 20.20 -15.07 8.64
CA LEU B 77 21.58 -14.73 9.01
C LEU B 77 22.02 -15.52 10.23
N ALA B 78 23.21 -16.10 10.16
CA ALA B 78 23.82 -16.84 11.26
C ALA B 78 25.25 -16.38 11.45
N PHE B 79 25.67 -16.19 12.69
CA PHE B 79 26.98 -15.64 13.00
C PHE B 79 27.94 -16.75 13.42
N ARG B 80 29.23 -16.44 13.32
CA ARG B 80 30.28 -17.37 13.74
C ARG B 80 30.59 -17.09 15.21
N ALA B 81 30.49 -18.13 16.04
CA ALA B 81 30.77 -18.04 17.47
C ALA B 81 32.07 -18.79 17.73
N ASP B 82 33.17 -18.06 17.77
CA ASP B 82 34.52 -18.63 17.94
C ASP B 82 34.71 -19.64 16.81
N ASP B 83 35.05 -20.90 17.09
CA ASP B 83 35.35 -21.85 16.03
C ASP B 83 34.13 -22.14 15.17
N THR B 84 32.93 -22.08 15.75
CA THR B 84 31.75 -22.69 15.17
C THR B 84 30.70 -21.65 14.77
N PHE B 85 30.00 -21.94 13.67
CA PHE B 85 28.84 -21.14 13.30
C PHE B 85 27.63 -21.61 14.11
N GLU B 86 26.81 -20.65 14.52
CA GLU B 86 25.55 -20.98 15.18
C GLU B 86 24.56 -21.56 14.17
N ALA B 87 23.63 -22.36 14.70
CA ALA B 87 22.50 -22.82 13.89
C ALA B 87 21.66 -21.63 13.47
N LEU B 88 21.10 -21.71 12.27
CA LEU B 88 20.18 -20.66 11.84
C LEU B 88 18.96 -20.65 12.75
N CYS B 89 18.62 -19.48 13.28
CA CYS B 89 17.49 -19.38 14.19
C CYS B 89 16.82 -18.04 13.98
N ILE B 90 15.59 -18.05 13.50
CA ILE B 90 14.80 -16.83 13.30
C ILE B 90 13.61 -16.90 14.23
N GLU B 91 13.48 -15.90 15.10
CA GLU B 91 12.36 -15.90 16.04
C GLU B 91 11.12 -15.38 15.34
N PRO B 92 9.98 -16.06 15.46
CA PRO B 92 8.77 -15.58 14.80
C PRO B 92 8.28 -14.26 15.38
N PHE B 93 7.58 -13.50 14.56
CA PHE B 93 6.83 -12.35 15.05
C PHE B 93 5.63 -12.83 15.86
N SER B 94 5.07 -11.93 16.68
CA SER B 94 3.88 -12.25 17.44
C SER B 94 2.72 -12.66 16.52
N SER B 95 1.76 -13.45 17.08
CA SER B 95 0.64 -13.85 16.23
C SER B 95 -0.51 -12.84 16.34
N PRO B 96 -1.19 -12.57 15.22
CA PRO B 96 -2.26 -11.60 15.24
C PRO B 96 -3.44 -12.13 16.01
N PRO B 97 -4.27 -11.26 16.58
CA PRO B 97 -5.45 -11.72 17.32
C PRO B 97 -6.52 -12.26 16.37
N GLU B 98 -7.49 -12.95 16.96
CA GLU B 98 -8.63 -13.42 16.18
C GLU B 98 -9.48 -12.24 15.72
N LEU B 99 -9.98 -12.33 14.50
CA LEU B 99 -10.81 -11.26 13.94
C LEU B 99 -12.11 -11.13 14.74
N PRO B 100 -12.58 -9.91 14.98
CA PRO B 100 -13.94 -9.74 15.50
C PRO B 100 -14.96 -10.30 14.51
N ASP B 101 -16.10 -10.75 15.05
CA ASP B 101 -17.06 -11.47 14.22
C ASP B 101 -17.50 -10.67 12.99
N VAL B 102 -17.67 -9.35 13.13
CA VAL B 102 -18.16 -8.56 12.00
C VAL B 102 -17.22 -8.64 10.77
N MET B 103 -15.91 -8.73 10.98
CA MET B 103 -14.98 -8.76 9.85
C MET B 103 -14.56 -10.15 9.40
N LYS B 104 -15.24 -11.21 9.85
CA LYS B 104 -14.98 -12.55 9.31
C LYS B 104 -15.74 -12.77 8.00
N MET C 1 23.50 6.66 12.36
CA MET C 1 22.89 7.81 11.69
C MET C 1 22.27 7.42 10.34
N MET C 2 22.90 6.48 9.64
CA MET C 2 22.31 5.99 8.39
C MET C 2 21.07 5.15 8.69
N TYR C 3 21.11 4.35 9.76
CA TYR C 3 20.01 3.49 10.17
C TYR C 3 19.54 3.84 11.58
N VAL C 4 18.31 3.43 11.90
CA VAL C 4 17.75 3.58 13.24
C VAL C 4 17.16 2.23 13.63
N LYS C 5 17.02 2.01 14.94
CA LYS C 5 16.47 0.77 15.48
C LYS C 5 15.11 1.03 16.14
N LEU C 6 14.09 0.31 15.70
CA LEU C 6 12.74 0.40 16.23
C LEU C 6 12.41 -0.92 16.91
N ILE C 7 12.03 -0.86 18.19
CA ILE C 7 11.85 -2.06 19.00
C ILE C 7 10.38 -2.21 19.35
N SER C 8 9.83 -3.40 19.10
CA SER C 8 8.43 -3.69 19.37
C SER C 8 8.22 -4.02 20.84
N SER C 9 6.95 -4.18 21.24
CA SER C 9 6.65 -4.44 22.65
C SER C 9 7.15 -5.82 23.07
N ASP C 10 7.22 -6.78 22.15
CA ASP C 10 7.68 -8.13 22.47
C ASP C 10 9.18 -8.32 22.21
N GLY C 11 9.93 -7.22 22.05
CA GLY C 11 11.38 -7.29 22.02
C GLY C 11 12.01 -7.43 20.65
N HIS C 12 11.24 -7.45 19.57
CA HIS C 12 11.83 -7.55 18.24
C HIS C 12 12.47 -6.21 17.87
N GLU C 13 13.66 -6.28 17.28
CA GLU C 13 14.42 -5.10 16.88
C GLU C 13 14.44 -5.01 15.36
N PHE C 14 13.91 -3.90 14.84
CA PHE C 14 13.83 -3.63 13.40
C PHE C 14 14.79 -2.51 13.08
N ILE C 15 15.76 -2.79 12.22
CA ILE C 15 16.75 -1.82 11.80
C ILE C 15 16.36 -1.33 10.42
N VAL C 16 16.10 -0.02 10.28
CA VAL C 16 15.59 0.54 9.05
C VAL C 16 16.32 1.85 8.75
N LYS C 17 16.35 2.21 7.46
CA LYS C 17 17.01 3.45 7.07
C LYS C 17 16.33 4.63 7.76
N ARG C 18 17.15 5.55 8.28
CA ARG C 18 16.64 6.70 9.00
C ARG C 18 15.69 7.52 8.12
N GLU C 19 16.09 7.79 6.87
CA GLU C 19 15.20 8.49 5.94
C GLU C 19 13.85 7.81 5.85
N HIS C 20 13.83 6.47 5.87
CA HIS C 20 12.58 5.73 5.78
C HIS C 20 11.75 5.90 7.05
N ALA C 21 12.38 5.81 8.22
CA ALA C 21 11.64 5.93 9.47
C ALA C 21 11.00 7.30 9.59
N LEU C 22 11.60 8.31 8.95
CA LEU C 22 11.09 9.67 9.03
C LEU C 22 9.77 9.84 8.27
N THR C 23 9.34 8.78 7.56
CA THR C 23 7.96 8.70 7.06
C THR C 23 6.92 8.96 8.14
N SER C 24 7.23 8.55 9.38
CA SER C 24 6.33 8.74 10.52
C SER C 24 6.53 10.14 11.10
N GLY C 25 5.45 10.92 11.17
CA GLY C 25 5.55 12.22 11.80
C GLY C 25 5.96 12.12 13.25
N THR C 26 5.52 11.05 13.93
CA THR C 26 5.84 10.86 15.33
C THR C 26 7.33 10.54 15.51
N ILE C 27 7.84 9.61 14.71
CA ILE C 27 9.28 9.32 14.77
C ILE C 27 10.09 10.54 14.39
N LYS C 28 9.64 11.29 13.38
CA LYS C 28 10.36 12.49 12.95
C LYS C 28 10.49 13.50 14.07
N ALA C 29 9.41 13.72 14.83
CA ALA C 29 9.49 14.64 15.96
C ALA C 29 10.48 14.15 17.00
N MET C 30 10.63 12.84 17.14
CA MET C 30 11.53 12.30 18.16
C MET C 30 12.99 12.44 17.77
N LEU C 31 13.30 12.22 16.49
CA LEU C 31 14.67 12.30 16.01
C LEU C 31 15.04 13.67 15.44
N SER C 32 14.13 14.31 14.71
CA SER C 32 14.39 15.62 14.14
C SER C 32 13.55 16.69 14.86
N GLN C 36 14.96 15.25 21.84
CA GLN C 36 14.41 14.11 22.59
C GLN C 36 15.48 13.05 22.86
N PHE C 37 15.03 11.85 23.21
CA PHE C 37 15.87 10.70 23.57
C PHE C 37 16.57 10.94 24.89
N THR C 42 20.04 8.87 21.28
CA THR C 42 20.35 7.58 20.68
C THR C 42 19.50 7.36 19.42
N ASN C 43 19.99 6.49 18.53
CA ASN C 43 19.28 6.16 17.29
C ASN C 43 18.34 4.99 17.50
N GLU C 44 17.52 5.07 18.55
CA GLU C 44 16.72 3.93 18.99
C GLU C 44 15.37 4.43 19.51
N VAL C 45 14.29 3.79 19.08
CA VAL C 45 12.95 4.11 19.53
C VAL C 45 12.27 2.85 20.03
N ASN C 46 11.79 2.87 21.27
CA ASN C 46 11.07 1.76 21.84
C ASN C 46 9.57 2.02 21.78
N PHE C 47 8.83 1.10 21.17
CA PHE C 47 7.37 1.17 21.07
C PHE C 47 6.78 0.15 22.03
N ARG C 48 6.47 0.60 23.25
CA ARG C 48 6.07 -0.31 24.32
C ARG C 48 4.68 -0.90 24.12
N GLU C 49 3.93 -0.42 23.12
CA GLU C 49 2.58 -0.90 22.89
C GLU C 49 2.34 -1.34 21.46
N ILE C 50 3.38 -1.47 20.63
CA ILE C 50 3.23 -1.98 19.27
C ILE C 50 3.95 -3.32 19.15
N PRO C 51 3.25 -4.42 18.85
CA PRO C 51 3.89 -5.74 18.81
C PRO C 51 4.50 -6.00 17.44
N SER C 52 5.32 -7.04 17.37
CA SER C 52 6.13 -7.24 16.17
C SER C 52 5.28 -7.54 14.94
N HIS C 53 4.14 -8.22 15.08
CA HIS C 53 3.38 -8.46 13.86
C HIS C 53 2.82 -7.17 13.27
N VAL C 54 2.74 -6.10 14.07
CA VAL C 54 2.32 -4.80 13.56
C VAL C 54 3.52 -3.96 13.12
N LEU C 55 4.54 -3.87 13.96
CA LEU C 55 5.71 -3.04 13.66
C LEU C 55 6.40 -3.52 12.39
N SER C 56 6.47 -4.83 12.17
CA SER C 56 7.09 -5.32 10.96
C SER C 56 6.36 -4.79 9.73
N LYS C 57 5.02 -4.78 9.77
CA LYS C 57 4.24 -4.25 8.66
C LYS C 57 4.45 -2.75 8.50
N VAL C 58 4.53 -2.01 9.61
CA VAL C 58 4.78 -0.57 9.51
C VAL C 58 6.09 -0.32 8.77
N CYS C 59 7.12 -1.13 9.05
CA CYS C 59 8.41 -0.95 8.40
C CYS C 59 8.31 -1.23 6.90
N MET C 60 7.49 -2.22 6.50
CA MET C 60 7.31 -2.43 5.07
C MET C 60 6.61 -1.24 4.42
N TYR C 61 5.70 -0.61 5.15
CA TYR C 61 5.04 0.58 4.64
C TYR C 61 6.04 1.72 4.42
N PHE C 62 6.97 1.92 5.36
CA PHE C 62 8.02 2.91 5.15
C PHE C 62 8.73 2.67 3.81
N THR C 63 9.19 1.43 3.58
CA THR C 63 9.89 1.12 2.34
C THR C 63 9.03 1.46 1.12
N TYR C 64 7.75 1.09 1.18
CA TYR C 64 6.80 1.29 0.08
C TYR C 64 6.51 2.77 -0.14
N LYS C 65 6.34 3.54 0.95
CA LYS C 65 6.05 4.96 0.80
C LYS C 65 7.21 5.69 0.16
N VAL C 66 8.43 5.43 0.64
CA VAL C 66 9.59 6.10 0.07
C VAL C 66 9.78 5.70 -1.39
N ARG C 67 9.63 4.41 -1.68
CA ARG C 67 9.84 3.98 -3.06
C ARG C 67 8.83 4.61 -4.02
N TYR C 68 7.58 4.77 -3.58
CA TYR C 68 6.48 5.10 -4.47
C TYR C 68 5.91 6.49 -4.23
N THR C 69 6.78 7.48 -4.02
CA THR C 69 6.29 8.85 -3.99
C THR C 69 5.98 9.35 -5.39
N ASN C 70 6.87 9.12 -6.35
CA ASN C 70 6.58 9.39 -7.74
C ASN C 70 5.64 8.32 -8.30
N SER C 71 5.06 8.62 -9.46
CA SER C 71 4.28 7.65 -10.22
C SER C 71 4.97 7.26 -11.51
N SER C 72 6.27 7.53 -11.62
CA SER C 72 7.03 7.05 -12.77
C SER C 72 6.93 5.55 -12.92
N THR C 73 6.71 4.86 -11.81
CA THR C 73 6.40 3.44 -11.76
C THR C 73 4.96 3.28 -11.30
N GLU C 74 4.19 2.44 -11.97
CA GLU C 74 2.86 2.08 -11.47
C GLU C 74 2.95 1.64 -10.02
N ILE C 75 2.16 2.30 -9.16
CA ILE C 75 2.17 1.99 -7.73
C ILE C 75 1.38 0.71 -7.50
N PRO C 76 1.97 -0.30 -6.89
CA PRO C 76 1.26 -1.56 -6.66
C PRO C 76 0.46 -1.50 -5.36
N GLU C 77 -0.32 -2.56 -5.14
CA GLU C 77 -1.15 -2.66 -3.95
C GLU C 77 -0.28 -2.99 -2.74
N PHE C 78 -0.58 -2.33 -1.62
CA PHE C 78 0.06 -2.64 -0.36
C PHE C 78 -0.84 -3.59 0.39
N PRO C 79 -0.46 -4.86 0.55
CA PRO C 79 -1.38 -5.85 1.12
C PRO C 79 -1.45 -5.73 2.63
N ILE C 80 -2.65 -5.91 3.17
CA ILE C 80 -2.86 -5.81 4.62
C ILE C 80 -3.83 -6.90 5.02
N ALA C 81 -3.38 -7.85 5.82
CA ALA C 81 -4.28 -8.93 6.24
C ALA C 81 -5.37 -8.36 7.13
N PRO C 82 -6.62 -8.80 6.96
CA PRO C 82 -7.69 -8.27 7.81
C PRO C 82 -7.40 -8.42 9.29
N GLU C 83 -6.70 -9.50 9.67
CA GLU C 83 -6.44 -9.80 11.08
C GLU C 83 -5.55 -8.77 11.76
N ILE C 84 -4.77 -7.98 11.01
CA ILE C 84 -3.91 -6.96 11.60
C ILE C 84 -4.42 -5.54 11.42
N ALA C 85 -5.51 -5.36 10.66
CA ALA C 85 -5.87 -4.02 10.20
C ALA C 85 -6.28 -3.10 11.34
N LEU C 86 -7.02 -3.60 12.33
CA LEU C 86 -7.43 -2.74 13.45
C LEU C 86 -6.21 -2.23 14.22
N GLU C 87 -5.31 -3.14 14.63
CA GLU C 87 -4.09 -2.70 15.32
C GLU C 87 -3.23 -1.83 14.42
N LEU C 88 -3.12 -2.19 13.13
CA LEU C 88 -2.29 -1.43 12.23
C LEU C 88 -2.84 -0.02 12.08
N LEU C 89 -4.17 0.12 12.04
CA LEU C 89 -4.78 1.45 11.98
C LEU C 89 -4.39 2.29 13.19
N MET C 90 -4.47 1.68 14.38
CA MET C 90 -4.12 2.42 15.59
C MET C 90 -2.64 2.79 15.61
N ALA C 91 -1.78 1.85 15.22
CA ALA C 91 -0.35 2.15 15.18
C ALA C 91 -0.07 3.26 14.17
N ALA C 92 -0.70 3.18 12.99
CA ALA C 92 -0.52 4.20 11.97
C ALA C 92 -0.97 5.57 12.46
N ASN C 93 -2.10 5.61 13.16
CA ASN C 93 -2.57 6.86 13.74
C ASN C 93 -1.58 7.38 14.77
N PHE C 94 -1.11 6.49 15.66
CA PHE C 94 -0.12 6.91 16.66
C PHE C 94 1.14 7.44 16.00
N LEU C 95 1.59 6.80 14.91
CA LEU C 95 2.82 7.16 14.24
C LEU C 95 2.66 8.32 13.26
N ASP C 96 1.43 8.73 12.93
CA ASP C 96 1.16 9.80 11.98
C ASP C 96 1.78 9.48 10.61
N CYS C 97 1.40 8.34 10.06
CA CYS C 97 1.87 7.98 8.73
C CYS C 97 0.82 7.18 7.91
C10 JHR D . -8.93 8.03 -26.26
C13 JHR D . -15.54 8.22 -26.07
C15 JHR D . -17.27 6.49 -25.41
C17 JHR D . -16.20 5.21 -23.52
C21 JHR D . -18.69 4.30 -22.68
C22 JHR D . -18.59 5.13 -23.77
C24 JHR D . -15.10 10.63 -25.57
C26 JHR D . -14.67 11.73 -23.34
C28 JHR D . -12.70 13.06 -22.95
C02 JHR D . -12.22 8.52 -26.29
C03 JHR D . -11.16 8.38 -27.37
C04 JHR D . -9.79 8.88 -26.94
C05 JHR D . -9.41 10.18 -27.22
C06 JHR D . -8.17 10.64 -26.84
C07 JHR D . -7.31 9.79 -26.16
C09 JHR D . -7.68 8.50 -25.85
C12 JHR D . -14.51 9.22 -25.62
C16 JHR D . -17.35 5.58 -24.19
C18 JHR D . -16.30 4.38 -22.41
C19 JHR D . -17.56 3.92 -21.99
C25 JHR D . -14.24 11.51 -24.63
C27 JHR D . -13.89 12.51 -22.50
C34 JHR D . -12.29 12.86 -24.25
C35 JHR D . -13.07 12.06 -25.09
F08 JHR D . -6.08 10.24 -25.77
F20 JHR D . -17.70 3.10 -20.90
N11 JHR D . -13.48 9.11 -26.63
N14 JHR D . -16.28 7.48 -25.07
O01 JHR D . -12.02 8.15 -25.17
O23 JHR D . -15.72 8.04 -27.23
O29 JHR D . -11.90 13.82 -22.10
O31 JHR D . -12.66 16.16 -22.82
O32 JHR D . -11.14 15.81 -20.87
O33 JHR D . -13.56 15.15 -20.68
P30 JHR D . -12.35 15.33 -21.60
P PO4 E . -7.95 19.16 -17.59
O1 PO4 E . -7.50 18.57 -18.93
O2 PO4 E . -9.41 19.54 -17.64
O3 PO4 E . -7.22 20.47 -17.29
O4 PO4 E . -7.79 18.13 -16.47
#